data_6CK0
#
_entry.id   6CK0
#
_cell.length_a   52.890
_cell.length_b   57.080
_cell.length_c   57.030
_cell.angle_alpha   122.140
_cell.angle_beta   94.730
_cell.angle_gamma   107.850
#
_symmetry.space_group_name_H-M   'P 1'
#
loop_
_entity.id
_entity.type
_entity.pdbx_description
1 polymer 'Biotin acetyl coenzyme A carboxylase synthetase'
2 non-polymer "5'-O-[(S)-({5-[(2R,3aS,4S,6aR)-2-hydroxyhexahydro-1H-thieno[3,4-d]imidazol-4-yl]pentanoyl}oxy){[(S)-hydroxy(phosphonooxy)phosphoryl]oxy}phosphoryl]adenosine"
3 non-polymer 'SULFATE ION'
4 non-polymer 1,2-ETHANEDIOL
5 water water
#
_entity_poly.entity_id   1
_entity_poly.type   'polypeptide(L)'
_entity_poly.pdbx_seq_one_letter_code
;MAHHHHHHMRQCEKRVFDSLPSTQTYLLEKLKNNELKAPILIVAKNQSTGIGSRGNIWEGTKSALTFSLALNASDLPKDL
PMQANALYLGFLFKEVLKELGSQTWLKWPNDLYLGDQKIGGVLVNVYKGMRVCGIGVNRVSKKWACLDIGASDDLIIEGF
LKKIEENLFWGEVLSKYALEFHRSNSFSFHNDWGELVSLKDAELLEDGRICIKGKIYDRM
;
_entity_poly.pdbx_strand_id   A,B
#
# COMPACT_ATOMS: atom_id res chain seq x y z
N GLN A 11 -6.66 -25.23 -17.81
CA GLN A 11 -6.44 -24.21 -16.78
C GLN A 11 -5.78 -22.94 -17.32
N CYS A 12 -5.35 -22.07 -16.42
CA CYS A 12 -4.89 -20.74 -16.78
C CYS A 12 -3.36 -20.71 -16.95
N GLU A 13 -2.90 -19.73 -17.72
CA GLU A 13 -1.48 -19.59 -18.01
C GLU A 13 -0.69 -19.35 -16.73
N LYS A 14 0.49 -19.93 -16.68
CA LYS A 14 1.43 -19.73 -15.59
C LYS A 14 2.73 -19.19 -16.14
N ARG A 15 3.29 -18.20 -15.48
CA ARG A 15 4.59 -17.65 -15.81
C ARG A 15 5.47 -17.84 -14.61
N VAL A 16 6.69 -18.30 -14.84
CA VAL A 16 7.62 -18.66 -13.80
C VAL A 16 8.88 -17.85 -14.03
N PHE A 17 9.26 -17.08 -13.02
CA PHE A 17 10.48 -16.31 -13.07
C PHE A 17 11.41 -16.84 -12.02
N ASP A 18 12.71 -16.86 -12.33
CA ASP A 18 13.68 -17.27 -11.34
C ASP A 18 13.75 -16.25 -10.20
N SER A 19 13.62 -14.98 -10.52
CA SER A 19 13.64 -13.94 -9.49
C SER A 19 12.77 -12.77 -9.93
N LEU A 20 11.95 -12.25 -9.01
CA LEU A 20 11.23 -10.99 -9.18
C LEU A 20 11.32 -10.20 -7.89
N PRO A 21 11.22 -8.87 -7.94
CA PRO A 21 11.00 -8.14 -6.69
C PRO A 21 9.79 -8.67 -5.93
N SER A 22 8.67 -8.88 -6.62
CA SER A 22 7.41 -9.35 -6.04
C SER A 22 6.41 -9.81 -7.10
N THR A 23 5.92 -11.04 -7.00
CA THR A 23 4.88 -11.48 -7.93
C THR A 23 3.66 -10.59 -7.84
N GLN A 24 3.31 -10.13 -6.63
CA GLN A 24 2.14 -9.27 -6.49
C GLN A 24 2.31 -7.97 -7.26
N THR A 25 3.42 -7.26 -7.03
CA THR A 25 3.69 -6.03 -7.77
C THR A 25 3.73 -6.28 -9.27
N TYR A 26 4.40 -7.36 -9.70
CA TYR A 26 4.46 -7.68 -11.12
C TYR A 26 3.06 -7.79 -11.70
N LEU A 27 2.21 -8.59 -11.04
CA LEU A 27 0.89 -8.88 -11.61
C LEU A 27 0.01 -7.62 -11.59
N LEU A 28 0.03 -6.88 -10.48
CA LEU A 28 -0.78 -5.67 -10.37
C LEU A 28 -0.43 -4.67 -11.45
N GLU A 29 0.87 -4.42 -11.64
CA GLU A 29 1.28 -3.45 -12.65
C GLU A 29 0.93 -3.90 -14.07
N LYS A 30 0.93 -5.22 -14.34
CA LYS A 30 0.54 -5.71 -15.66
C LYS A 30 -0.95 -5.55 -15.90
N LEU A 31 -1.76 -5.76 -14.87
CA LEU A 31 -3.19 -5.49 -15.03
C LEU A 31 -3.45 -4.00 -15.20
N LYS A 32 -2.79 -3.15 -14.40
CA LYS A 32 -3.00 -1.71 -14.52
C LYS A 32 -2.65 -1.23 -15.93
N ASN A 33 -1.60 -1.79 -16.51
CA ASN A 33 -1.18 -1.47 -17.87
C ASN A 33 -1.95 -2.26 -18.93
N ASN A 34 -2.91 -3.08 -18.52
CA ASN A 34 -3.70 -3.89 -19.45
C ASN A 34 -2.81 -4.75 -20.34
N GLU A 35 -1.72 -5.27 -19.78
CA GLU A 35 -0.85 -6.18 -20.49
C GLU A 35 -1.20 -7.65 -20.22
N LEU A 36 -1.89 -7.94 -19.13
CA LEU A 36 -2.41 -9.27 -18.86
C LEU A 36 -3.88 -9.15 -18.51
N LYS A 37 -4.54 -10.30 -18.50
CA LYS A 37 -5.94 -10.41 -18.07
C LYS A 37 -6.07 -11.65 -17.19
N ALA A 38 -6.87 -11.52 -16.15
CA ALA A 38 -7.26 -12.69 -15.38
C ALA A 38 -8.00 -13.67 -16.30
N PRO A 39 -7.85 -14.99 -16.06
CA PRO A 39 -7.03 -15.53 -14.97
C PRO A 39 -5.60 -15.74 -15.41
N ILE A 40 -4.64 -15.45 -14.54
CA ILE A 40 -3.24 -15.75 -14.83
C ILE A 40 -2.52 -15.96 -13.52
N LEU A 41 -1.47 -16.76 -13.56
CA LEU A 41 -0.74 -17.16 -12.38
C LEU A 41 0.73 -16.80 -12.55
N ILE A 42 1.32 -16.17 -11.53
CA ILE A 42 2.68 -15.66 -11.61
C ILE A 42 3.46 -16.24 -10.44
N VAL A 43 4.58 -16.90 -10.74
CA VAL A 43 5.40 -17.58 -9.74
C VAL A 43 6.79 -17.00 -9.81
N ALA A 44 7.39 -16.71 -8.66
CA ALA A 44 8.79 -16.37 -8.58
C ALA A 44 9.49 -17.40 -7.71
N LYS A 45 10.54 -18.01 -8.24
CA LYS A 45 11.27 -18.96 -7.42
C LYS A 45 11.93 -18.26 -6.25
N ASN A 46 12.30 -16.99 -6.43
CA ASN A 46 12.90 -16.16 -5.40
C ASN A 46 12.31 -14.76 -5.51
N GLN A 47 11.93 -14.20 -4.37
CA GLN A 47 11.45 -12.82 -4.30
C GLN A 47 12.45 -11.99 -3.52
N SER A 48 12.75 -10.81 -4.05
CA SER A 48 13.73 -9.94 -3.43
C SER A 48 13.11 -8.74 -2.71
N THR A 49 11.82 -8.51 -2.87
CA THR A 49 11.15 -7.43 -2.15
C THR A 49 9.70 -7.84 -1.93
N GLY A 50 9.51 -8.99 -1.27
CA GLY A 50 8.16 -9.46 -0.99
C GLY A 50 7.41 -8.52 -0.06
N ILE A 51 6.10 -8.45 -0.28
CA ILE A 51 5.21 -7.52 0.41
C ILE A 51 4.29 -8.33 1.33
N GLY A 52 4.27 -7.96 2.61
CA GLY A 52 3.29 -8.48 3.53
C GLY A 52 2.07 -7.61 3.55
N SER A 53 1.35 -7.66 4.67
CA SER A 53 0.23 -6.78 4.92
C SER A 53 0.72 -5.47 5.53
N ARG A 54 0.02 -4.37 5.19
CA ARG A 54 0.36 -3.02 5.67
C ARG A 54 1.70 -2.54 5.15
N GLY A 55 2.11 -2.98 3.96
CA GLY A 55 3.43 -2.64 3.48
C GLY A 55 4.57 -3.11 4.35
N ASN A 56 4.36 -4.14 5.18
CA ASN A 56 5.47 -4.84 5.79
C ASN A 56 6.24 -5.64 4.74
N ILE A 57 7.46 -6.03 5.07
CA ILE A 57 8.27 -6.87 4.20
C ILE A 57 7.90 -8.33 4.42
N TRP A 58 7.77 -9.08 3.33
CA TRP A 58 7.71 -10.54 3.42
C TRP A 58 9.05 -11.08 2.91
N GLU A 59 9.87 -11.58 3.84
CA GLU A 59 11.26 -11.91 3.56
C GLU A 59 11.37 -13.18 2.72
N GLY A 60 12.37 -13.21 1.86
CA GLY A 60 12.61 -14.39 1.05
C GLY A 60 13.49 -15.37 1.80
N THR A 61 13.12 -16.65 1.73
CA THR A 61 13.91 -17.71 2.35
C THR A 61 14.73 -18.45 1.28
N LYS A 62 15.58 -19.36 1.74
CA LYS A 62 16.39 -20.14 0.82
C LYS A 62 15.50 -20.85 -0.21
N SER A 63 14.43 -21.47 0.25
CA SER A 63 13.40 -22.02 -0.61
C SER A 63 12.04 -21.58 -0.10
N ALA A 64 11.22 -21.01 -0.98
CA ALA A 64 9.89 -20.59 -0.61
C ALA A 64 8.97 -20.77 -1.80
N LEU A 65 7.69 -21.00 -1.50
CA LEU A 65 6.61 -20.95 -2.48
C LEU A 65 5.98 -19.56 -2.42
N THR A 66 6.18 -18.77 -3.49
CA THR A 66 5.59 -17.42 -3.60
C THR A 66 4.98 -17.24 -4.98
N PHE A 67 3.68 -16.96 -5.02
CA PHE A 67 3.01 -16.73 -6.29
C PHE A 67 1.87 -15.76 -6.09
N SER A 68 1.39 -15.22 -7.21
CA SER A 68 0.18 -14.43 -7.23
C SER A 68 -0.71 -14.91 -8.35
N LEU A 69 -2.01 -14.90 -8.06
CA LEU A 69 -3.04 -15.42 -8.93
C LEU A 69 -4.08 -14.32 -9.13
N ALA A 70 -4.36 -13.98 -10.38
CA ALA A 70 -5.36 -12.97 -10.72
C ALA A 70 -6.66 -13.66 -11.10
N LEU A 71 -7.73 -13.31 -10.42
CA LEU A 71 -9.04 -13.86 -10.74
C LEU A 71 -9.99 -12.74 -11.11
N ASN A 72 -10.99 -13.07 -11.93
CA ASN A 72 -12.11 -12.18 -12.15
C ASN A 72 -13.15 -12.44 -11.08
N ALA A 73 -13.97 -11.43 -10.78
CA ALA A 73 -15.03 -11.59 -9.80
C ALA A 73 -15.87 -12.82 -10.11
N SER A 74 -16.24 -13.00 -11.39
CA SER A 74 -16.97 -14.19 -11.80
C SER A 74 -16.28 -15.49 -11.40
N ASP A 75 -14.96 -15.48 -11.20
CA ASP A 75 -14.27 -16.69 -10.77
C ASP A 75 -14.48 -17.02 -9.30
N LEU A 76 -15.18 -16.16 -8.54
CA LEU A 76 -15.37 -16.33 -7.11
C LEU A 76 -16.87 -16.38 -6.79
N PRO A 77 -17.25 -16.85 -5.60
CA PRO A 77 -18.69 -16.94 -5.27
C PRO A 77 -19.35 -15.58 -5.29
N LYS A 78 -20.63 -15.57 -5.70
CA LYS A 78 -21.40 -14.33 -5.79
C LYS A 78 -21.65 -13.73 -4.42
N ASP A 79 -21.66 -14.56 -3.38
CA ASP A 79 -21.96 -14.13 -2.01
C ASP A 79 -20.70 -13.85 -1.20
N LEU A 80 -19.54 -13.74 -1.81
CA LEU A 80 -18.31 -13.52 -1.07
C LEU A 80 -18.09 -12.04 -0.86
N PRO A 81 -18.19 -11.52 0.37
CA PRO A 81 -17.93 -10.10 0.57
C PRO A 81 -16.47 -9.79 0.30
N MET A 82 -16.21 -8.55 -0.14
CA MET A 82 -14.84 -8.17 -0.49
C MET A 82 -13.89 -8.33 0.70
N GLN A 83 -14.38 -8.05 1.92
CA GLN A 83 -13.54 -8.16 3.10
C GLN A 83 -13.14 -9.61 3.40
N ALA A 84 -13.88 -10.59 2.89
CA ALA A 84 -13.57 -11.99 3.16
C ALA A 84 -12.63 -12.63 2.13
N ASN A 85 -12.06 -11.85 1.20
CA ASN A 85 -11.29 -12.44 0.10
C ASN A 85 -10.11 -13.26 0.61
N ALA A 86 -9.28 -12.65 1.48
CA ALA A 86 -8.10 -13.34 1.98
C ALA A 86 -8.48 -14.54 2.81
N LEU A 87 -9.51 -14.40 3.64
CA LEU A 87 -10.01 -15.52 4.44
C LEU A 87 -10.45 -16.68 3.57
N TYR A 88 -11.26 -16.40 2.54
CA TYR A 88 -11.78 -17.46 1.68
C TYR A 88 -10.66 -18.15 0.92
N LEU A 89 -9.82 -17.37 0.22
CA LEU A 89 -8.76 -18.00 -0.55
C LEU A 89 -7.72 -18.63 0.37
N GLY A 90 -7.45 -17.99 1.51
CA GLY A 90 -6.52 -18.59 2.46
C GLY A 90 -7.01 -19.91 3.02
N PHE A 91 -8.31 -20.00 3.35
CA PHE A 91 -8.82 -21.25 3.87
C PHE A 91 -8.75 -22.38 2.82
N LEU A 92 -9.03 -22.07 1.56
CA LEU A 92 -8.91 -23.10 0.53
C LEU A 92 -7.46 -23.56 0.38
N PHE A 93 -6.52 -22.60 0.37
CA PHE A 93 -5.11 -22.97 0.31
C PHE A 93 -4.75 -23.88 1.47
N LYS A 94 -5.22 -23.56 2.67
CA LYS A 94 -4.90 -24.38 3.83
C LYS A 94 -5.48 -25.78 3.67
N GLU A 95 -6.69 -25.88 3.11
CA GLU A 95 -7.29 -27.19 2.90
C GLU A 95 -6.51 -27.98 1.84
N VAL A 96 -6.00 -27.32 0.81
CA VAL A 96 -5.07 -27.98 -0.11
C VAL A 96 -3.90 -28.57 0.65
N LEU A 97 -3.29 -27.76 1.53
CA LEU A 97 -2.16 -28.23 2.33
C LEU A 97 -2.57 -29.41 3.21
N LYS A 98 -3.76 -29.33 3.81
CA LYS A 98 -4.21 -30.39 4.70
C LYS A 98 -4.43 -31.71 3.96
N GLU A 99 -5.00 -31.63 2.74
CA GLU A 99 -5.18 -32.84 1.94
C GLU A 99 -3.85 -33.47 1.57
N LEU A 100 -2.81 -32.67 1.46
CA LEU A 100 -1.48 -33.21 1.18
C LEU A 100 -0.76 -33.66 2.45
N GLY A 101 -1.46 -33.72 3.58
CA GLY A 101 -0.88 -34.18 4.83
C GLY A 101 -0.33 -33.14 5.77
N SER A 102 -0.59 -31.86 5.54
CA SER A 102 0.01 -30.83 6.40
C SER A 102 -0.85 -30.54 7.62
N GLN A 103 -0.19 -30.10 8.69
CA GLN A 103 -0.83 -29.65 9.91
C GLN A 103 -1.10 -28.15 9.92
N THR A 104 -0.94 -27.48 8.77
CA THR A 104 -1.05 -26.03 8.69
C THR A 104 -2.46 -25.58 9.06
N TRP A 105 -2.55 -24.47 9.80
CA TRP A 105 -3.86 -23.92 10.09
C TRP A 105 -3.85 -22.42 9.84
N LEU A 106 -5.05 -21.85 9.72
CA LEU A 106 -5.24 -20.47 9.31
C LEU A 106 -5.56 -19.62 10.55
N LYS A 107 -4.60 -18.81 10.98
CA LYS A 107 -4.84 -17.89 12.07
C LYS A 107 -5.42 -16.59 11.50
N TRP A 108 -6.50 -16.14 12.11
CA TRP A 108 -7.18 -14.94 11.63
C TRP A 108 -6.22 -13.75 11.66
N PRO A 109 -6.28 -12.85 10.67
CA PRO A 109 -7.20 -12.78 9.52
C PRO A 109 -6.73 -13.49 8.24
N ASN A 110 -5.44 -13.81 8.10
CA ASN A 110 -4.95 -14.26 6.81
C ASN A 110 -3.60 -14.96 6.89
N ASP A 111 -3.30 -15.60 8.02
CA ASP A 111 -1.96 -16.13 8.29
C ASP A 111 -1.94 -17.66 8.27
N LEU A 112 -0.92 -18.23 7.63
CA LEU A 112 -0.74 -19.67 7.61
C LEU A 112 0.21 -20.06 8.75
N TYR A 113 -0.28 -20.88 9.66
CA TYR A 113 0.48 -21.24 10.84
C TYR A 113 0.76 -22.74 10.84
N LEU A 114 1.91 -23.09 11.41
CA LEU A 114 2.21 -24.48 11.75
C LEU A 114 2.49 -24.52 13.23
N GLY A 115 1.70 -25.30 13.96
CA GLY A 115 1.81 -25.24 15.41
C GLY A 115 1.42 -23.83 15.83
N ASP A 116 2.32 -23.14 16.53
CA ASP A 116 2.11 -21.74 16.85
C ASP A 116 3.18 -20.84 16.23
N GLN A 117 3.62 -21.16 15.01
CA GLN A 117 4.58 -20.33 14.28
C GLN A 117 4.07 -20.10 12.87
N LYS A 118 4.25 -18.87 12.41
CA LYS A 118 3.82 -18.45 11.10
C LYS A 118 4.77 -18.99 10.03
N ILE A 119 4.21 -19.58 8.98
CA ILE A 119 5.00 -20.12 7.88
C ILE A 119 4.63 -19.52 6.54
N GLY A 120 3.63 -18.66 6.50
CA GLY A 120 3.09 -18.19 5.23
C GLY A 120 1.89 -17.30 5.48
N GLY A 121 1.42 -16.69 4.39
CA GLY A 121 0.36 -15.70 4.49
C GLY A 121 -0.30 -15.47 3.16
N VAL A 122 -1.52 -14.91 3.23
CA VAL A 122 -2.31 -14.60 2.05
C VAL A 122 -2.58 -13.10 1.99
N LEU A 123 -2.52 -12.56 0.79
CA LEU A 123 -2.65 -11.13 0.53
C LEU A 123 -3.52 -10.96 -0.71
N VAL A 124 -4.64 -10.25 -0.59
CA VAL A 124 -5.54 -10.04 -1.72
C VAL A 124 -5.65 -8.55 -2.02
N ASN A 125 -5.30 -8.16 -3.26
CA ASN A 125 -5.49 -6.82 -3.77
C ASN A 125 -6.61 -6.83 -4.80
N VAL A 126 -7.46 -5.82 -4.76
CA VAL A 126 -8.59 -5.71 -5.69
C VAL A 126 -8.29 -4.58 -6.66
N TYR A 127 -8.53 -4.83 -7.93
CA TYR A 127 -8.30 -3.82 -8.97
C TYR A 127 -9.33 -4.04 -10.06
N LYS A 128 -10.27 -3.12 -10.20
CA LYS A 128 -11.31 -3.19 -11.21
C LYS A 128 -12.05 -4.53 -11.15
N GLY A 129 -12.44 -4.92 -9.94
CA GLY A 129 -13.20 -6.14 -9.83
C GLY A 129 -12.37 -7.40 -9.96
N MET A 130 -11.17 -7.29 -10.53
CA MET A 130 -10.24 -8.41 -10.50
C MET A 130 -9.59 -8.50 -9.13
N ARG A 131 -9.37 -9.73 -8.68
CA ARG A 131 -8.82 -10.02 -7.36
C ARG A 131 -7.48 -10.69 -7.55
N VAL A 132 -6.43 -10.08 -7.00
CA VAL A 132 -5.06 -10.55 -7.12
C VAL A 132 -4.67 -11.17 -5.79
N CYS A 133 -4.60 -12.49 -5.77
CA CYS A 133 -4.32 -13.24 -4.56
C CYS A 133 -2.85 -13.59 -4.53
N GLY A 134 -2.14 -13.07 -3.55
CA GLY A 134 -0.74 -13.37 -3.34
C GLY A 134 -0.53 -14.28 -2.15
N ILE A 135 0.14 -15.40 -2.37
CA ILE A 135 0.36 -16.38 -1.30
C ILE A 135 1.85 -16.68 -1.22
N GLY A 136 2.39 -16.59 -0.01
CA GLY A 136 3.76 -17.02 0.26
C GLY A 136 3.78 -18.07 1.36
N VAL A 137 4.64 -19.07 1.22
CA VAL A 137 4.83 -20.14 2.21
C VAL A 137 6.28 -20.56 2.21
N ASN A 138 6.92 -20.54 3.38
CA ASN A 138 8.30 -20.98 3.50
C ASN A 138 8.40 -22.51 3.34
N ARG A 139 9.41 -22.96 2.60
CA ARG A 139 9.73 -24.39 2.43
C ARG A 139 11.01 -24.78 3.14
N VAL A 140 12.07 -24.00 2.96
CA VAL A 140 13.36 -24.22 3.60
C VAL A 140 13.86 -22.88 4.11
N SER A 141 14.39 -22.87 5.32
CA SER A 141 14.79 -21.63 5.99
C SER A 141 15.46 -21.98 7.30
N LYS A 142 16.45 -21.16 7.68
CA LYS A 142 17.03 -21.24 9.01
C LYS A 142 16.46 -20.21 9.95
N LYS A 143 15.80 -19.18 9.41
CA LYS A 143 15.28 -18.03 10.12
C LYS A 143 13.84 -18.23 10.60
N TRP A 144 12.99 -18.78 9.74
CA TRP A 144 11.56 -18.93 9.98
C TRP A 144 11.15 -20.39 9.91
N ALA A 145 9.96 -20.69 10.43
CA ALA A 145 9.43 -22.03 10.31
C ALA A 145 8.98 -22.31 8.88
N CYS A 146 8.89 -23.59 8.52
CA CYS A 146 8.64 -23.99 7.14
C CYS A 146 7.48 -24.98 7.05
N LEU A 147 6.97 -25.13 5.83
CA LEU A 147 5.90 -26.07 5.57
C LEU A 147 6.33 -27.50 5.96
N ASP A 148 5.40 -28.26 6.51
CA ASP A 148 5.69 -29.58 7.08
C ASP A 148 5.47 -30.72 6.10
N ILE A 149 5.38 -30.45 4.80
CA ILE A 149 5.22 -31.51 3.80
C ILE A 149 6.19 -31.25 2.65
N GLY A 150 6.32 -32.26 1.78
CA GLY A 150 7.23 -32.22 0.66
C GLY A 150 6.61 -32.02 -0.70
N ALA A 151 5.29 -31.93 -0.76
CA ALA A 151 4.57 -31.70 -2.00
C ALA A 151 5.21 -30.61 -2.84
N SER A 152 5.45 -30.92 -4.11
CA SER A 152 5.99 -29.95 -5.04
C SER A 152 5.14 -28.68 -5.08
N ASP A 153 5.75 -27.58 -5.48
CA ASP A 153 4.99 -26.34 -5.65
C ASP A 153 3.88 -26.51 -6.68
N ASP A 154 4.18 -27.20 -7.78
CA ASP A 154 3.15 -27.43 -8.81
C ASP A 154 1.95 -28.20 -8.26
N LEU A 155 2.20 -29.18 -7.40
CA LEU A 155 1.11 -29.96 -6.83
C LEU A 155 0.24 -29.10 -5.91
N ILE A 156 0.86 -28.26 -5.07
CA ILE A 156 0.09 -27.40 -4.18
C ILE A 156 -0.75 -26.40 -5.00
N ILE A 157 -0.14 -25.78 -6.01
CA ILE A 157 -0.86 -24.78 -6.80
C ILE A 157 -1.98 -25.44 -7.62
N GLU A 158 -1.73 -26.60 -8.23
CA GLU A 158 -2.81 -27.27 -8.96
C GLU A 158 -4.01 -27.55 -8.05
N GLY A 159 -3.75 -28.12 -6.87
CA GLY A 159 -4.82 -28.31 -5.91
C GLY A 159 -5.55 -27.03 -5.60
N PHE A 160 -4.80 -25.93 -5.42
CA PHE A 160 -5.41 -24.62 -5.14
C PHE A 160 -6.37 -24.22 -6.26
N LEU A 161 -5.89 -24.29 -7.52
CA LEU A 161 -6.74 -23.95 -8.64
C LEU A 161 -7.99 -24.83 -8.68
N LYS A 162 -7.89 -26.07 -8.22
CA LYS A 162 -9.05 -26.95 -8.24
C LYS A 162 -10.04 -26.59 -7.14
N LYS A 163 -9.53 -26.29 -5.94
CA LYS A 163 -10.42 -25.88 -4.86
C LYS A 163 -11.18 -24.62 -5.23
N ILE A 164 -10.49 -23.65 -5.85
CA ILE A 164 -11.21 -22.48 -6.36
C ILE A 164 -12.26 -22.90 -7.37
N GLU A 165 -11.90 -23.85 -8.24
CA GLU A 165 -12.80 -24.26 -9.30
C GLU A 165 -14.08 -24.88 -8.77
N GLU A 166 -14.00 -25.55 -7.61
CA GLU A 166 -15.20 -26.14 -7.02
C GLU A 166 -16.27 -25.10 -6.71
N ASN A 167 -15.89 -23.82 -6.63
CA ASN A 167 -16.84 -22.70 -6.59
C ASN A 167 -17.80 -22.79 -5.40
N LEU A 168 -17.28 -23.22 -4.25
CA LEU A 168 -18.11 -23.33 -3.05
C LEU A 168 -18.55 -21.94 -2.58
N PHE A 169 -19.81 -21.84 -2.16
CA PHE A 169 -20.32 -20.61 -1.57
C PHE A 169 -19.42 -20.14 -0.44
N TRP A 170 -19.26 -18.83 -0.32
CA TRP A 170 -18.59 -18.28 0.86
C TRP A 170 -19.28 -18.78 2.13
N GLY A 171 -20.62 -18.88 2.09
CA GLY A 171 -21.35 -19.44 3.22
C GLY A 171 -20.81 -20.78 3.70
N GLU A 172 -20.52 -21.70 2.77
CA GLU A 172 -19.97 -23.00 3.14
C GLU A 172 -18.57 -22.88 3.74
N VAL A 173 -17.70 -22.10 3.11
CA VAL A 173 -16.30 -22.07 3.53
C VAL A 173 -16.17 -21.52 4.94
N LEU A 174 -16.90 -20.43 5.25
CA LEU A 174 -16.83 -19.83 6.57
C LEU A 174 -17.33 -20.78 7.66
N SER A 175 -18.32 -21.60 7.34
CA SER A 175 -18.79 -22.59 8.31
C SER A 175 -17.70 -23.61 8.62
N LYS A 176 -16.92 -24.01 7.60
CA LYS A 176 -15.76 -24.85 7.86
C LYS A 176 -14.75 -24.13 8.73
N TYR A 177 -14.49 -22.85 8.41
CA TYR A 177 -13.48 -22.11 9.17
C TYR A 177 -13.96 -21.81 10.58
N ALA A 178 -15.25 -21.49 10.73
CA ALA A 178 -15.80 -21.21 12.06
C ALA A 178 -15.51 -22.33 13.03
N LEU A 179 -15.39 -23.56 12.53
CA LEU A 179 -15.03 -24.69 13.38
C LEU A 179 -13.62 -24.56 13.93
N GLU A 180 -12.73 -23.84 13.23
CA GLU A 180 -11.34 -23.74 13.68
C GLU A 180 -10.91 -22.33 14.03
N PHE A 181 -11.81 -21.34 13.89
CA PHE A 181 -11.52 -19.98 14.35
C PHE A 181 -10.96 -19.96 15.76
N HIS A 182 -11.53 -20.80 16.64
CA HIS A 182 -11.21 -20.77 18.06
C HIS A 182 -9.72 -20.92 18.32
N ARG A 183 -9.01 -21.64 17.45
CA ARG A 183 -7.56 -21.75 17.61
CA ARG A 183 -7.56 -21.75 17.57
C ARG A 183 -6.90 -20.37 17.60
N SER A 184 -7.42 -19.44 16.81
CA SER A 184 -6.88 -18.08 16.80
C SER A 184 -7.02 -17.35 18.14
N ASN A 185 -7.91 -17.79 19.04
CA ASN A 185 -8.19 -16.98 20.23
C ASN A 185 -6.94 -16.81 21.12
N SER A 186 -6.02 -17.79 21.11
CA SER A 186 -4.80 -17.69 21.89
C SER A 186 -3.79 -16.70 21.31
N PHE A 187 -4.06 -16.14 20.15
CA PHE A 187 -3.03 -15.35 19.50
C PHE A 187 -3.47 -13.91 19.41
N SER A 188 -2.81 -13.13 18.56
CA SER A 188 -3.08 -11.71 18.42
C SER A 188 -2.87 -11.33 16.96
N PHE A 189 -3.34 -10.14 16.60
CA PHE A 189 -3.12 -9.61 15.27
C PHE A 189 -2.83 -8.12 15.39
N HIS A 190 -2.29 -7.57 14.32
CA HIS A 190 -2.03 -6.14 14.22
C HIS A 190 -3.23 -5.42 13.63
N ASN A 191 -3.72 -4.41 14.32
CA ASN A 191 -4.79 -3.59 13.76
C ASN A 191 -4.23 -2.72 12.64
N ASP A 192 -5.09 -1.85 12.10
CA ASP A 192 -4.71 -1.04 10.95
C ASP A 192 -3.54 -0.10 11.28
N TRP A 193 -3.39 0.26 12.55
CA TRP A 193 -2.32 1.16 12.99
C TRP A 193 -1.08 0.42 13.50
N GLY A 194 -1.01 -0.88 13.26
CA GLY A 194 0.15 -1.67 13.63
C GLY A 194 0.23 -2.08 15.08
N GLU A 195 -0.84 -1.86 15.86
CA GLU A 195 -0.81 -2.17 17.29
C GLU A 195 -1.31 -3.59 17.51
N LEU A 196 -0.60 -4.35 18.34
CA LEU A 196 -1.03 -5.71 18.66
C LEU A 196 -2.37 -5.68 19.39
N VAL A 197 -3.28 -6.55 18.94
CA VAL A 197 -4.58 -6.73 19.58
C VAL A 197 -4.79 -8.20 19.84
N SER A 198 -5.12 -8.55 21.09
CA SER A 198 -5.35 -9.94 21.45
C SER A 198 -6.65 -10.44 20.84
N LEU A 199 -6.67 -11.72 20.44
CA LEU A 199 -7.86 -12.38 19.94
C LEU A 199 -8.61 -13.16 21.02
N LYS A 200 -8.21 -13.04 22.29
CA LYS A 200 -8.82 -13.81 23.38
C LYS A 200 -10.35 -13.74 23.32
N ASP A 201 -10.91 -12.55 23.34
CA ASP A 201 -12.37 -12.43 23.33
C ASP A 201 -12.95 -12.24 21.94
N ALA A 202 -12.17 -12.46 20.90
CA ALA A 202 -12.67 -12.22 19.55
C ALA A 202 -13.73 -13.24 19.17
N GLU A 203 -14.74 -12.78 18.47
CA GLU A 203 -15.82 -13.61 18.00
C GLU A 203 -15.99 -13.35 16.51
N LEU A 204 -16.24 -14.42 15.78
CA LEU A 204 -16.27 -14.32 14.33
C LEU A 204 -17.64 -13.84 13.86
N LEU A 205 -17.63 -13.09 12.76
CA LEU A 205 -18.83 -12.55 12.16
C LEU A 205 -19.02 -13.18 10.79
N GLU A 206 -20.28 -13.19 10.33
CA GLU A 206 -20.66 -13.94 9.13
C GLU A 206 -20.00 -13.42 7.86
N ASP A 207 -19.35 -12.25 7.90
CA ASP A 207 -18.65 -11.72 6.75
C ASP A 207 -17.13 -11.85 6.87
N GLY A 208 -16.66 -12.59 7.87
CA GLY A 208 -15.24 -12.78 8.04
C GLY A 208 -14.57 -11.81 8.98
N ARG A 209 -15.23 -10.69 9.31
CA ARG A 209 -14.73 -9.80 10.34
C ARG A 209 -14.88 -10.44 11.71
N ILE A 210 -14.31 -9.79 12.73
CA ILE A 210 -14.48 -10.22 14.10
C ILE A 210 -14.99 -9.06 14.96
N CYS A 211 -15.56 -9.40 16.11
CA CYS A 211 -15.88 -8.41 17.11
C CYS A 211 -15.21 -8.79 18.43
N ILE A 212 -14.68 -7.78 19.12
CA ILE A 212 -13.98 -7.92 20.38
C ILE A 212 -14.59 -6.89 21.32
N LYS A 213 -15.43 -7.35 22.24
CA LYS A 213 -16.09 -6.48 23.23
C LYS A 213 -16.71 -5.26 22.55
N GLY A 214 -17.47 -5.52 21.49
CA GLY A 214 -18.24 -4.48 20.84
C GLY A 214 -17.54 -3.73 19.73
N LYS A 215 -16.24 -3.95 19.54
CA LYS A 215 -15.51 -3.28 18.47
C LYS A 215 -15.26 -4.28 17.34
N ILE A 216 -15.57 -3.86 16.11
CA ILE A 216 -15.42 -4.71 14.93
C ILE A 216 -14.05 -4.44 14.30
N TYR A 217 -13.40 -5.48 13.82
CA TYR A 217 -12.13 -5.35 13.12
C TYR A 217 -12.18 -6.08 11.79
N ASP A 218 -11.38 -5.59 10.85
CA ASP A 218 -11.17 -6.19 9.54
C ASP A 218 -9.69 -6.02 9.18
N ARG A 219 -9.33 -6.47 7.99
CA ARG A 219 -7.96 -6.31 7.47
C ARG A 219 -7.98 -6.48 5.96
N ARG B 10 8.65 28.63 16.87
CA ARG B 10 7.70 29.55 16.25
C ARG B 10 7.09 28.95 14.99
N GLN B 11 5.84 28.52 15.10
CA GLN B 11 5.10 27.94 13.98
C GLN B 11 4.23 29.00 13.31
N CYS B 12 4.03 28.83 12.02
CA CYS B 12 3.20 29.75 11.25
C CYS B 12 1.72 29.58 11.65
N GLU B 13 0.88 30.50 11.17
CA GLU B 13 -0.55 30.42 11.46
C GLU B 13 -1.20 29.24 10.77
N LYS B 14 -2.17 28.63 11.46
CA LYS B 14 -2.94 27.52 10.92
C LYS B 14 -4.42 27.88 10.96
N ARG B 15 -5.10 27.65 9.84
CA ARG B 15 -6.55 27.74 9.75
C ARG B 15 -7.10 26.35 9.46
N VAL B 16 -8.08 25.95 10.24
CA VAL B 16 -8.69 24.64 10.16
C VAL B 16 -10.16 24.86 9.80
N PHE B 17 -10.57 24.30 8.69
CA PHE B 17 -11.95 24.35 8.26
C PHE B 17 -12.55 22.96 8.36
N ASP B 18 -13.83 22.88 8.70
CA ASP B 18 -14.46 21.57 8.68
C ASP B 18 -14.59 21.07 7.24
N SER B 19 -14.85 21.97 6.30
CA SER B 19 -15.03 21.60 4.91
C SER B 19 -14.61 22.75 3.99
N LEU B 20 -13.83 22.42 2.97
CA LEU B 20 -13.48 23.28 1.86
C LEU B 20 -13.56 22.47 0.58
N PRO B 21 -13.91 23.10 -0.55
CA PRO B 21 -13.70 22.43 -1.83
C PRO B 21 -12.27 21.92 -1.96
N SER B 22 -11.28 22.74 -1.61
CA SER B 22 -9.87 22.34 -1.70
C SER B 22 -8.96 23.31 -0.94
N THR B 23 -8.11 22.76 -0.06
CA THR B 23 -7.14 23.62 0.60
C THR B 23 -6.21 24.28 -0.42
N GLN B 24 -5.85 23.54 -1.47
CA GLN B 24 -4.91 24.10 -2.44
C GLN B 24 -5.53 25.28 -3.16
N THR B 25 -6.76 25.10 -3.61
CA THR B 25 -7.47 26.19 -4.28
C THR B 25 -7.70 27.36 -3.33
N TYR B 26 -8.10 27.09 -2.08
CA TYR B 26 -8.37 28.17 -1.14
C TYR B 26 -7.13 29.02 -0.93
N LEU B 27 -6.00 28.37 -0.62
CA LEU B 27 -4.75 29.07 -0.34
C LEU B 27 -4.22 29.78 -1.60
N LEU B 28 -4.34 29.16 -2.76
CA LEU B 28 -3.81 29.77 -3.97
C LEU B 28 -4.57 31.05 -4.29
N GLU B 29 -5.88 31.05 -4.11
CA GLU B 29 -6.65 32.25 -4.46
C GLU B 29 -6.43 33.36 -3.44
N LYS B 30 -6.12 33.01 -2.18
CA LYS B 30 -5.83 34.03 -1.17
C LYS B 30 -4.50 34.73 -1.45
N LEU B 31 -3.48 33.98 -1.86
CA LEU B 31 -2.24 34.59 -2.33
C LEU B 31 -2.50 35.46 -3.56
N LYS B 32 -3.25 34.94 -4.52
CA LYS B 32 -3.52 35.73 -5.72
C LYS B 32 -4.28 37.01 -5.36
N ASN B 33 -5.23 36.92 -4.43
CA ASN B 33 -5.95 38.11 -3.97
C ASN B 33 -5.15 38.92 -2.96
N ASN B 34 -3.93 38.50 -2.64
CA ASN B 34 -3.09 39.19 -1.66
C ASN B 34 -3.72 39.24 -0.27
N GLU B 35 -4.61 38.30 0.04
CA GLU B 35 -5.25 38.26 1.36
C GLU B 35 -4.45 37.47 2.38
N LEU B 36 -3.53 36.62 1.93
CA LEU B 36 -2.65 35.89 2.82
C LEU B 36 -1.23 36.05 2.33
N LYS B 37 -0.29 35.81 3.23
CA LYS B 37 1.12 35.77 2.90
C LYS B 37 1.73 34.52 3.52
N ALA B 38 2.72 33.95 2.84
CA ALA B 38 3.47 32.85 3.39
C ALA B 38 4.30 33.31 4.59
N PRO B 39 4.54 32.44 5.57
CA PRO B 39 3.99 31.08 5.65
C PRO B 39 2.60 31.04 6.30
N ILE B 40 1.78 30.11 5.82
CA ILE B 40 0.49 29.83 6.46
C ILE B 40 0.11 28.41 6.09
N LEU B 41 -0.66 27.78 6.97
CA LEU B 41 -1.08 26.39 6.82
C LEU B 41 -2.61 26.32 6.81
N ILE B 42 -3.16 25.63 5.83
CA ILE B 42 -4.60 25.53 5.66
C ILE B 42 -4.99 24.06 5.69
N VAL B 43 -5.84 23.68 6.65
CA VAL B 43 -6.27 22.32 6.86
C VAL B 43 -7.76 22.26 6.64
N ALA B 44 -8.23 21.25 5.91
CA ALA B 44 -9.65 20.95 5.82
C ALA B 44 -9.86 19.54 6.34
N LYS B 45 -10.73 19.40 7.33
CA LYS B 45 -11.00 18.08 7.87
C LYS B 45 -11.70 17.21 6.83
N ASN B 46 -12.55 17.82 6.02
CA ASN B 46 -13.25 17.16 4.92
C ASN B 46 -13.09 18.00 3.67
N GLN B 47 -12.53 17.40 2.64
CA GLN B 47 -12.38 18.07 1.35
C GLN B 47 -13.39 17.48 0.38
N SER B 48 -14.16 18.35 -0.26
CA SER B 48 -15.25 17.94 -1.14
C SER B 48 -14.89 17.98 -2.62
N THR B 49 -13.78 18.62 -2.99
CA THR B 49 -13.39 18.76 -4.39
C THR B 49 -11.87 18.75 -4.48
N GLY B 50 -11.25 17.71 -3.91
CA GLY B 50 -9.80 17.64 -3.89
C GLY B 50 -9.21 17.54 -5.28
N ILE B 51 -8.01 18.07 -5.43
CA ILE B 51 -7.33 18.17 -6.72
C ILE B 51 -6.09 17.30 -6.68
N GLY B 52 -5.93 16.45 -7.69
CA GLY B 52 -4.70 15.70 -7.89
C GLY B 52 -3.77 16.41 -8.85
N SER B 53 -2.80 15.68 -9.37
CA SER B 53 -1.93 16.26 -10.38
C SER B 53 -2.63 16.22 -11.73
N ARG B 54 -2.31 17.20 -12.59
CA ARG B 54 -2.83 17.21 -13.95
C ARG B 54 -4.35 17.39 -13.98
N GLY B 55 -4.91 18.03 -12.96
CA GLY B 55 -6.36 18.20 -12.91
C GLY B 55 -7.16 16.92 -12.80
N ASN B 56 -6.57 15.87 -12.22
CA ASN B 56 -7.34 14.73 -11.76
C ASN B 56 -8.02 15.08 -10.43
N ILE B 57 -9.00 14.26 -10.07
CA ILE B 57 -9.71 14.45 -8.81
C ILE B 57 -8.95 13.72 -7.72
N TRP B 58 -8.80 14.35 -6.56
CA TRP B 58 -8.38 13.63 -5.38
C TRP B 58 -9.61 13.39 -4.51
N GLU B 59 -10.04 12.13 -4.44
CA GLU B 59 -11.25 11.77 -3.73
C GLU B 59 -11.04 11.88 -2.23
N GLY B 60 -11.98 12.52 -1.53
CA GLY B 60 -11.94 12.54 -0.08
C GLY B 60 -12.49 11.24 0.50
N THR B 61 -11.80 10.71 1.50
CA THR B 61 -12.18 9.48 2.15
C THR B 61 -12.91 9.80 3.47
N LYS B 62 -13.41 8.76 4.14
CA LYS B 62 -14.18 8.96 5.37
C LYS B 62 -13.40 9.83 6.35
N SER B 63 -12.13 9.47 6.60
CA SER B 63 -11.18 10.33 7.28
C SER B 63 -9.95 10.46 6.39
N ALA B 64 -9.50 11.69 6.20
CA ALA B 64 -8.31 11.97 5.42
C ALA B 64 -7.59 13.13 6.07
N LEU B 65 -6.29 13.16 5.85
CA LEU B 65 -5.46 14.31 6.21
C LEU B 65 -5.21 15.08 4.92
N THR B 66 -5.80 16.28 4.80
CA THR B 66 -5.59 17.15 3.64
C THR B 66 -5.26 18.56 4.13
N PHE B 67 -4.09 19.05 3.73
CA PHE B 67 -3.67 20.41 4.05
C PHE B 67 -2.81 20.96 2.93
N SER B 68 -2.69 22.29 2.91
CA SER B 68 -1.79 23.02 2.04
C SER B 68 -0.97 24.01 2.85
N LEU B 69 0.28 24.19 2.44
CA LEU B 69 1.25 24.99 3.18
C LEU B 69 1.96 25.92 2.20
N ALA B 70 1.82 27.23 2.44
CA ALA B 70 2.50 28.25 1.64
C ALA B 70 3.86 28.55 2.25
N LEU B 71 4.90 28.44 1.43
CA LEU B 71 6.25 28.73 1.85
C LEU B 71 6.83 29.79 0.93
N ASN B 72 7.74 30.58 1.49
CA ASN B 72 8.59 31.46 0.72
C ASN B 72 9.83 30.71 0.24
N ALA B 73 10.43 31.22 -0.85
CA ALA B 73 11.63 30.58 -1.39
C ALA B 73 12.68 30.42 -0.30
N SER B 74 12.84 31.44 0.54
CA SER B 74 13.81 31.40 1.63
C SER B 74 13.54 30.27 2.62
N ASP B 75 12.29 29.81 2.70
CA ASP B 75 12.01 28.67 3.57
C ASP B 75 12.54 27.35 3.01
N LEU B 76 13.10 27.33 1.81
CA LEU B 76 13.55 26.11 1.17
C LEU B 76 15.03 26.22 0.83
N PRO B 77 15.74 25.10 0.71
CA PRO B 77 17.20 25.17 0.54
C PRO B 77 17.59 25.84 -0.76
N LYS B 78 18.70 26.56 -0.70
CA LYS B 78 19.16 27.34 -1.84
C LYS B 78 19.47 26.48 -3.05
N ASP B 79 19.81 25.20 -2.82
CA ASP B 79 20.18 24.27 -3.88
C ASP B 79 18.99 23.42 -4.36
N LEU B 80 17.75 23.85 -4.11
CA LEU B 80 16.60 23.05 -4.52
C LEU B 80 16.14 23.45 -5.91
N PRO B 81 16.29 22.60 -6.92
CA PRO B 81 15.73 22.92 -8.24
C PRO B 81 14.21 23.00 -8.18
N MET B 82 13.65 23.89 -9.00
CA MET B 82 12.20 24.01 -9.08
C MET B 82 11.53 22.67 -9.37
N GLN B 83 12.08 21.93 -10.34
CA GLN B 83 11.51 20.63 -10.72
C GLN B 83 11.44 19.65 -9.55
N ALA B 84 12.23 19.84 -8.51
CA ALA B 84 12.28 18.89 -7.41
C ALA B 84 11.43 19.28 -6.19
N ASN B 85 10.59 20.33 -6.27
CA ASN B 85 9.84 20.79 -5.08
C ASN B 85 9.03 19.68 -4.44
N ALA B 86 8.27 18.93 -5.26
CA ALA B 86 7.36 17.93 -4.70
C ALA B 86 8.12 16.74 -4.15
N LEU B 87 9.21 16.34 -4.81
CA LEU B 87 10.04 15.26 -4.30
C LEU B 87 10.67 15.62 -2.97
N TYR B 88 11.15 16.86 -2.83
CA TYR B 88 11.83 17.27 -1.61
C TYR B 88 10.85 17.30 -0.44
N LEU B 89 9.74 18.05 -0.59
CA LEU B 89 8.74 18.11 0.46
C LEU B 89 8.09 16.74 0.67
N GLY B 90 7.84 16.00 -0.41
CA GLY B 90 7.30 14.67 -0.25
C GLY B 90 8.20 13.79 0.58
N PHE B 91 9.50 13.81 0.28
CA PHE B 91 10.44 13.00 1.05
C PHE B 91 10.46 13.42 2.52
N LEU B 92 10.48 14.71 2.80
CA LEU B 92 10.41 15.14 4.20
C LEU B 92 9.14 14.61 4.87
N PHE B 93 8.02 14.65 4.16
CA PHE B 93 6.78 14.18 4.74
C PHE B 93 6.83 12.67 4.99
N LYS B 94 7.35 11.91 4.01
CA LYS B 94 7.46 10.47 4.19
C LYS B 94 8.33 10.13 5.39
N GLU B 95 9.40 10.89 5.61
CA GLU B 95 10.30 10.66 6.74
C GLU B 95 9.61 10.92 8.07
N VAL B 96 8.76 11.95 8.13
CA VAL B 96 7.94 12.18 9.31
C VAL B 96 7.10 10.96 9.60
N LEU B 97 6.39 10.47 8.57
CA LEU B 97 5.59 9.27 8.71
C LEU B 97 6.43 8.09 9.16
N LYS B 98 7.66 8.01 8.65
CA LYS B 98 8.56 6.92 9.00
C LYS B 98 9.00 7.02 10.46
N GLU B 99 9.38 8.21 10.90
CA GLU B 99 9.76 8.40 12.30
C GLU B 99 8.62 8.07 13.24
N LEU B 100 7.38 8.18 12.76
CA LEU B 100 6.24 7.76 13.55
C LEU B 100 5.90 6.28 13.37
N GLY B 101 6.78 5.51 12.72
CA GLY B 101 6.59 4.08 12.57
C GLY B 101 5.91 3.62 11.29
N SER B 102 5.78 4.47 10.28
CA SER B 102 5.10 4.07 9.06
C SER B 102 6.05 3.40 8.06
N GLN B 103 5.47 2.56 7.21
CA GLN B 103 6.16 1.96 6.08
C GLN B 103 5.94 2.72 4.78
N THR B 104 5.35 3.90 4.85
CA THR B 104 5.05 4.64 3.64
C THR B 104 6.33 4.90 2.86
N TRP B 105 6.26 4.81 1.54
CA TRP B 105 7.40 5.19 0.74
C TRP B 105 6.93 6.13 -0.36
N LEU B 106 7.90 6.80 -0.97
CA LEU B 106 7.65 7.81 -2.01
C LEU B 106 7.89 7.17 -3.38
N LYS B 107 6.82 6.99 -4.15
CA LYS B 107 6.96 6.52 -5.52
C LYS B 107 7.02 7.73 -6.46
N TRP B 108 8.07 7.76 -7.27
CA TRP B 108 8.27 8.86 -8.20
C TRP B 108 7.02 9.06 -9.06
N PRO B 109 6.62 10.30 -9.34
CA PRO B 109 7.24 11.59 -9.00
C PRO B 109 6.71 12.27 -7.74
N ASN B 110 5.64 11.78 -7.10
CA ASN B 110 5.03 12.59 -6.04
C ASN B 110 4.00 11.80 -5.23
N ASP B 111 4.09 10.48 -5.20
CA ASP B 111 3.05 9.64 -4.68
C ASP B 111 3.48 8.99 -3.38
N LEU B 112 2.59 8.97 -2.40
CA LEU B 112 2.86 8.30 -1.12
C LEU B 112 2.22 6.90 -1.18
N TYR B 113 3.05 5.88 -1.06
CA TYR B 113 2.59 4.50 -1.21
C TYR B 113 2.77 3.73 0.09
N LEU B 114 1.97 2.68 0.22
CA LEU B 114 2.14 1.69 1.28
C LEU B 114 2.08 0.33 0.62
N GLY B 115 3.16 -0.42 0.72
CA GLY B 115 3.26 -1.62 -0.11
C GLY B 115 3.20 -1.16 -1.56
N ASP B 116 2.27 -1.70 -2.32
CA ASP B 116 2.09 -1.23 -3.70
C ASP B 116 0.71 -0.60 -3.92
N GLN B 117 0.15 0.04 -2.89
CA GLN B 117 -1.07 0.82 -3.06
C GLN B 117 -0.78 2.27 -2.69
N LYS B 118 -1.39 3.18 -3.43
CA LYS B 118 -1.26 4.60 -3.18
C LYS B 118 -2.18 5.00 -2.01
N ILE B 119 -1.62 5.72 -1.04
CA ILE B 119 -2.38 6.22 0.09
C ILE B 119 -2.40 7.73 0.16
N GLY B 120 -1.69 8.41 -0.73
CA GLY B 120 -1.50 9.84 -0.60
C GLY B 120 -0.60 10.37 -1.68
N GLY B 121 -0.43 11.69 -1.66
CA GLY B 121 0.20 12.41 -2.75
C GLY B 121 0.54 13.85 -2.42
N VAL B 122 1.56 14.38 -3.10
CA VAL B 122 2.09 15.71 -2.85
C VAL B 122 1.93 16.55 -4.11
N LEU B 123 1.47 17.77 -3.94
CA LEU B 123 1.25 18.71 -5.04
C LEU B 123 1.91 20.03 -4.69
N VAL B 124 2.73 20.57 -5.60
CA VAL B 124 3.37 21.85 -5.39
C VAL B 124 3.04 22.79 -6.55
N ASN B 125 2.32 23.87 -6.24
CA ASN B 125 2.12 24.98 -7.16
C ASN B 125 3.05 26.13 -6.77
N VAL B 126 3.62 26.79 -7.78
CA VAL B 126 4.49 27.95 -7.57
C VAL B 126 3.73 29.18 -8.03
N TYR B 127 3.60 30.18 -7.17
CA TYR B 127 2.94 31.44 -7.51
C TYR B 127 3.76 32.59 -6.96
N LYS B 128 4.31 33.42 -7.85
CA LYS B 128 5.05 34.63 -7.48
C LYS B 128 6.11 34.33 -6.42
N GLY B 129 6.98 33.37 -6.70
CA GLY B 129 8.03 33.04 -5.77
C GLY B 129 7.60 32.35 -4.48
N MET B 130 6.32 31.99 -4.34
CA MET B 130 5.86 31.21 -3.22
C MET B 130 5.53 29.80 -3.68
N ARG B 131 5.74 28.84 -2.79
CA ARG B 131 5.48 27.44 -3.10
C ARG B 131 4.31 26.96 -2.23
N VAL B 132 3.25 26.50 -2.85
CA VAL B 132 2.07 26.02 -2.16
C VAL B 132 2.09 24.49 -2.20
N CYS B 133 2.33 23.89 -1.04
CA CYS B 133 2.51 22.45 -0.93
C CYS B 133 1.21 21.84 -0.41
N GLY B 134 0.49 21.14 -1.27
CA GLY B 134 -0.72 20.43 -0.86
C GLY B 134 -0.44 18.95 -0.69
N ILE B 135 -0.76 18.43 0.49
CA ILE B 135 -0.55 17.02 0.82
C ILE B 135 -1.84 16.38 1.31
N GLY B 136 -2.17 15.23 0.73
CA GLY B 136 -3.29 14.42 1.20
C GLY B 136 -2.85 12.99 1.50
N VAL B 137 -3.36 12.45 2.60
CA VAL B 137 -3.17 11.04 2.95
C VAL B 137 -4.50 10.51 3.49
N ASN B 138 -4.92 9.35 2.97
CA ASN B 138 -6.11 8.68 3.48
C ASN B 138 -5.87 8.14 4.88
N ARG B 139 -6.84 8.33 5.77
CA ARG B 139 -6.74 7.79 7.13
C ARG B 139 -7.74 6.67 7.39
N VAL B 140 -8.98 6.84 6.95
CA VAL B 140 -10.01 5.79 7.05
C VAL B 140 -10.79 5.83 5.73
N SER B 141 -11.01 4.66 5.16
CA SER B 141 -11.67 4.52 3.86
C SER B 141 -11.93 3.05 3.61
N LYS B 142 -13.11 2.74 3.07
CA LYS B 142 -13.37 1.38 2.58
C LYS B 142 -12.97 1.21 1.12
N LYS B 143 -12.79 2.30 0.39
CA LYS B 143 -12.48 2.27 -1.04
C LYS B 143 -10.98 2.28 -1.32
N TRP B 144 -10.19 2.99 -0.51
CA TRP B 144 -8.78 3.21 -0.76
C TRP B 144 -7.94 2.73 0.41
N ALA B 145 -6.68 2.41 0.13
CA ALA B 145 -5.76 2.06 1.20
C ALA B 145 -5.43 3.28 2.05
N CYS B 146 -5.09 3.05 3.33
CA CYS B 146 -4.94 4.12 4.31
C CYS B 146 -3.62 4.04 5.04
N LEU B 147 -3.23 5.17 5.60
CA LEU B 147 -1.99 5.24 6.36
C LEU B 147 -1.97 4.21 7.49
N ASP B 148 -0.78 3.69 7.80
CA ASP B 148 -0.60 2.53 8.66
C ASP B 148 -0.21 2.91 10.08
N ILE B 149 -0.38 4.17 10.47
CA ILE B 149 -0.11 4.59 11.83
C ILE B 149 -1.30 5.37 12.40
N GLY B 150 -1.31 5.52 13.71
CA GLY B 150 -2.36 6.20 14.44
C GLY B 150 -2.06 7.61 14.86
N ALA B 151 -0.84 8.09 14.62
CA ALA B 151 -0.48 9.48 14.91
C ALA B 151 -1.56 10.44 14.46
N SER B 152 -1.94 11.34 15.36
CA SER B 152 -2.90 12.40 15.04
C SER B 152 -2.41 13.26 13.89
N ASP B 153 -3.38 13.90 13.22
CA ASP B 153 -3.05 14.79 12.12
C ASP B 153 -2.19 15.95 12.59
N ASP B 154 -2.48 16.50 13.77
CA ASP B 154 -1.67 17.58 14.34
C ASP B 154 -0.22 17.15 14.50
N LEU B 155 0.00 15.95 15.04
CA LEU B 155 1.35 15.44 15.28
C LEU B 155 2.10 15.30 13.96
N ILE B 156 1.47 14.69 12.96
CA ILE B 156 2.11 14.53 11.65
C ILE B 156 2.46 15.90 11.08
N ILE B 157 1.50 16.83 11.11
CA ILE B 157 1.74 18.16 10.56
C ILE B 157 2.86 18.85 11.32
N GLU B 158 2.90 18.66 12.64
CA GLU B 158 3.96 19.29 13.45
C GLU B 158 5.33 18.75 13.06
N GLY B 159 5.47 17.43 12.93
CA GLY B 159 6.74 16.87 12.49
C GLY B 159 7.17 17.38 11.13
N PHE B 160 6.21 17.61 10.22
CA PHE B 160 6.52 18.11 8.88
C PHE B 160 7.06 19.53 8.94
N LEU B 161 6.44 20.40 9.74
CA LEU B 161 6.97 21.74 9.94
C LEU B 161 8.36 21.71 10.56
N LYS B 162 8.62 20.81 11.50
CA LYS B 162 9.95 20.73 12.11
C LYS B 162 10.98 20.25 11.09
N LYS B 163 10.64 19.21 10.31
CA LYS B 163 11.53 18.77 9.25
C LYS B 163 11.88 19.92 8.32
N ILE B 164 10.88 20.69 7.89
CA ILE B 164 11.17 21.77 6.97
C ILE B 164 12.14 22.76 7.60
N GLU B 165 12.00 22.98 8.92
CA GLU B 165 12.86 23.95 9.58
C GLU B 165 14.27 23.42 9.84
N GLU B 166 14.50 22.12 9.68
CA GLU B 166 15.86 21.59 9.74
C GLU B 166 16.71 22.07 8.57
N ASN B 167 16.10 22.65 7.54
CA ASN B 167 16.82 23.24 6.40
C ASN B 167 17.77 22.25 5.74
N LEU B 168 17.35 20.98 5.63
CA LEU B 168 18.18 19.98 4.97
C LEU B 168 18.36 20.34 3.50
N PHE B 169 19.59 20.37 3.04
CA PHE B 169 19.84 20.67 1.63
C PHE B 169 19.25 19.59 0.73
N TRP B 170 18.82 20.03 -0.45
CA TRP B 170 18.34 19.10 -1.46
C TRP B 170 19.35 17.99 -1.74
N GLY B 171 20.63 18.33 -1.78
CA GLY B 171 21.64 17.32 -2.01
C GLY B 171 21.57 16.19 -0.98
N GLU B 172 21.35 16.56 0.28
CA GLU B 172 21.22 15.55 1.33
C GLU B 172 19.97 14.70 1.11
N VAL B 173 18.84 15.33 0.83
CA VAL B 173 17.62 14.58 0.53
C VAL B 173 17.84 13.67 -0.68
N LEU B 174 18.40 14.22 -1.77
CA LEU B 174 18.57 13.46 -3.00
C LEU B 174 19.43 12.21 -2.78
N SER B 175 20.49 12.33 -1.98
CA SER B 175 21.37 11.17 -1.75
C SER B 175 20.64 10.08 -0.97
N LYS B 176 19.85 10.45 0.04
CA LYS B 176 19.03 9.46 0.70
C LYS B 176 18.01 8.89 -0.26
N TYR B 177 17.39 9.74 -1.07
CA TYR B 177 16.28 9.27 -1.89
C TYR B 177 16.76 8.45 -3.07
N ALA B 178 18.00 8.63 -3.52
CA ALA B 178 18.50 7.85 -4.65
C ALA B 178 18.55 6.38 -4.29
N LEU B 179 18.94 6.05 -3.05
CA LEU B 179 18.96 4.68 -2.58
C LEU B 179 17.54 4.14 -2.39
N GLU B 180 16.55 4.98 -2.67
CA GLU B 180 15.15 4.61 -2.52
C GLU B 180 14.38 4.66 -3.84
N PHE B 181 14.87 5.40 -4.83
CA PHE B 181 14.14 5.53 -6.09
C PHE B 181 13.91 4.18 -6.74
N HIS B 182 14.82 3.23 -6.50
CA HIS B 182 14.76 1.93 -7.17
C HIS B 182 13.41 1.25 -6.95
N ARG B 183 12.79 1.45 -5.79
CA ARG B 183 11.49 0.84 -5.53
CA ARG B 183 11.49 0.84 -5.54
C ARG B 183 10.47 1.26 -6.58
N SER B 184 10.60 2.47 -7.13
CA SER B 184 9.68 2.95 -8.15
C SER B 184 9.82 2.20 -9.49
N ASN B 185 10.95 1.52 -9.74
CA ASN B 185 11.20 0.96 -11.08
C ASN B 185 10.17 -0.09 -11.48
N SER B 186 9.61 -0.81 -10.50
CA SER B 186 8.56 -1.78 -10.75
C SER B 186 7.23 -1.14 -11.13
N PHE B 187 7.08 0.15 -10.91
CA PHE B 187 5.79 0.80 -11.07
C PHE B 187 5.78 1.59 -12.36
N SER B 188 4.79 2.48 -12.49
CA SER B 188 4.65 3.33 -13.65
C SER B 188 4.12 4.69 -13.21
N PHE B 189 3.89 5.56 -14.18
CA PHE B 189 3.35 6.89 -13.92
C PHE B 189 2.70 7.36 -15.20
N HIS B 190 1.85 8.37 -15.07
CA HIS B 190 1.18 8.97 -16.21
C HIS B 190 1.98 10.16 -16.68
N ASN B 191 2.24 10.23 -17.98
CA ASN B 191 2.98 11.34 -18.52
C ASN B 191 2.06 12.56 -18.63
N ASP B 192 2.59 13.65 -19.17
CA ASP B 192 1.83 14.90 -19.22
C ASP B 192 0.61 14.81 -20.11
N TRP B 193 0.45 13.74 -20.89
CA TRP B 193 -0.76 13.50 -21.66
C TRP B 193 -1.61 12.38 -21.08
N GLY B 194 -1.34 11.98 -19.84
CA GLY B 194 -2.11 10.92 -19.23
C GLY B 194 -1.81 9.51 -19.71
N GLU B 195 -0.83 9.34 -20.60
CA GLU B 195 -0.43 8.00 -21.05
C GLU B 195 0.43 7.33 -19.98
N LEU B 196 0.10 6.09 -19.66
CA LEU B 196 0.88 5.31 -18.71
C LEU B 196 2.27 5.03 -19.27
N VAL B 197 3.29 5.24 -18.45
CA VAL B 197 4.68 5.00 -18.82
C VAL B 197 5.34 4.18 -17.72
N SER B 198 5.97 3.08 -18.11
CA SER B 198 6.70 2.21 -17.19
C SER B 198 7.94 2.92 -16.66
N LEU B 199 8.29 2.65 -15.39
CA LEU B 199 9.52 3.16 -14.81
C LEU B 199 10.65 2.13 -14.78
N LYS B 200 10.47 0.99 -15.44
CA LYS B 200 11.45 -0.11 -15.42
C LYS B 200 12.88 0.39 -15.64
N ASP B 201 13.10 1.18 -16.68
CA ASP B 201 14.43 1.67 -16.99
C ASP B 201 14.61 3.14 -16.65
N ALA B 202 13.92 3.60 -15.62
CA ALA B 202 13.98 5.01 -15.25
C ALA B 202 15.26 5.29 -14.48
N GLU B 203 15.92 6.37 -14.84
CA GLU B 203 17.08 6.88 -14.11
C GLU B 203 16.70 8.23 -13.51
N LEU B 204 17.02 8.43 -12.24
CA LEU B 204 16.64 9.67 -11.56
C LEU B 204 17.70 10.74 -11.81
N LEU B 205 17.26 11.86 -12.37
CA LEU B 205 18.13 13.00 -12.64
C LEU B 205 18.21 13.91 -11.41
N GLU B 206 19.28 14.72 -11.36
CA GLU B 206 19.59 15.49 -10.16
C GLU B 206 18.50 16.50 -9.82
N ASP B 207 17.78 17.01 -10.82
CA ASP B 207 16.75 18.01 -10.59
C ASP B 207 15.38 17.40 -10.35
N GLY B 208 15.30 16.08 -10.14
CA GLY B 208 14.06 15.40 -9.87
C GLY B 208 13.31 14.90 -11.09
N ARG B 209 13.73 15.27 -12.30
CA ARG B 209 13.21 14.60 -13.48
C ARG B 209 13.77 13.19 -13.57
N ILE B 210 13.19 12.39 -14.46
CA ILE B 210 13.74 11.07 -14.79
C ILE B 210 14.13 11.02 -16.26
N CYS B 211 15.05 10.09 -16.56
CA CYS B 211 15.47 9.78 -17.92
C CYS B 211 15.19 8.31 -18.20
N ILE B 212 14.47 8.01 -19.27
CA ILE B 212 14.17 6.64 -19.69
C ILE B 212 14.70 6.47 -21.11
N LYS B 213 15.89 5.89 -21.24
CA LYS B 213 16.50 5.58 -22.54
C LYS B 213 16.58 6.81 -23.44
N GLY B 214 17.18 7.88 -22.93
CA GLY B 214 17.43 9.07 -23.72
C GLY B 214 16.29 10.06 -23.83
N LYS B 215 15.14 9.80 -23.20
CA LYS B 215 14.05 10.76 -23.11
C LYS B 215 13.89 11.22 -21.67
N ILE B 216 13.68 12.52 -21.49
CA ILE B 216 13.58 13.11 -20.16
C ILE B 216 12.13 13.46 -19.89
N TYR B 217 11.61 12.96 -18.77
CA TYR B 217 10.27 13.27 -18.31
C TYR B 217 10.32 14.15 -17.06
N ASP B 218 9.44 15.14 -17.03
CA ASP B 218 9.10 15.90 -15.84
C ASP B 218 7.61 15.77 -15.59
N ARG B 219 7.16 16.16 -14.41
CA ARG B 219 5.75 15.98 -14.06
C ARG B 219 5.30 16.95 -12.98
#